data_7ZRT
#
_entry.id   7ZRT
#
_cell.length_a   121.315
_cell.length_b   121.315
_cell.length_c   42.817
_cell.angle_alpha   90.000
_cell.angle_beta   90.000
_cell.angle_gamma   120.000
#
_symmetry.space_group_name_H-M   'H 3'
#
loop_
_entity.id
_entity.type
_entity.pdbx_description
1 polymer 'Urokinase-type plasminogen activator'
2 polymer 'synthetic peptide uk970'
3 non-polymer 'SULFATE ION'
4 non-polymer DI(HYDROXYETHYL)ETHER
5 non-polymer 1,2-ETHANEDIOL
6 non-polymer 'PENTAETHYLENE GLYCOL'
7 non-polymer 1,3,5-tris(bromomethyl)benzene
8 water water
#
loop_
_entity_poly.entity_id
_entity_poly.type
_entity_poly.pdbx_seq_one_letter_code
_entity_poly.pdbx_strand_id
1 'polypeptide(L)'
;IIGGEFTTIENQPWFAAIYRRHRGGSVTYVCGGSLISPCWVISATHCFIDYPKKEDYIVYLGRSRLNSNTQGEMKFEVEN
LILHKDYSADTLAHHNDIALLKIRSKEGRCAQPSRTIQTIALPSMYNDPQFGTSCEITGFGKEQSTDYLYPEQLKMTVVK
LISHRECQQPHYYGSEVTTKMLCAADPQWKTDSCQGDSGGPLVCSLQGRMTLTGIVSWGRGCALKDKPGVYTRVSHFLPW
IRSHTKEENGLAL
;
A
2 'polypeptide(L)' CSRFVVDCRGRGGPCG(NH2) B
#
loop_
_chem_comp.id
_chem_comp.type
_chem_comp.name
_chem_comp.formula
1PE non-polymer 'PENTAETHYLENE GLYCOL' 'C10 H22 O6'
EDO non-polymer 1,2-ETHANEDIOL 'C2 H6 O2'
NH2 non-polymer 'AMINO GROUP' 'H2 N'
PEG non-polymer DI(HYDROXYETHYL)ETHER 'C4 H10 O3'
SO4 non-polymer 'SULFATE ION' 'O4 S -2'
ZBR non-polymer 1,3,5-tris(bromomethyl)benzene 'C9 H9 Br3'
#
# COMPACT_ATOMS: atom_id res chain seq x y z
N ILE A 1 -4.49 10.07 -0.66
CA ILE A 1 -4.71 10.40 0.78
C ILE A 1 -5.64 11.62 0.88
N ILE A 2 -6.75 11.43 1.58
CA ILE A 2 -7.66 12.53 1.89
C ILE A 2 -7.13 13.20 3.15
N GLY A 3 -7.10 14.55 3.12
CA GLY A 3 -6.50 15.32 4.20
C GLY A 3 -5.00 15.00 4.40
N GLY A 4 -4.54 15.11 5.64
CA GLY A 4 -3.11 14.98 5.97
C GLY A 4 -2.30 16.10 5.31
N GLU A 5 -1.07 15.77 4.90
CA GLU A 5 -0.08 16.80 4.60
C GLU A 5 0.79 16.30 3.43
N PHE A 6 1.26 17.22 2.58
CA PHE A 6 2.33 16.88 1.65
C PHE A 6 3.60 16.56 2.44
N THR A 7 4.33 15.56 2.01
CA THR A 7 5.56 15.18 2.70
C THR A 7 6.64 14.95 1.65
N THR A 8 7.79 14.37 2.05
CA THR A 8 8.81 13.99 1.07
C THR A 8 9.23 12.57 1.38
N ILE A 9 9.92 11.95 0.42
CA ILE A 9 10.27 10.52 0.56
C ILE A 9 11.13 10.30 1.82
N GLU A 10 11.89 11.32 2.24
CA GLU A 10 12.79 11.17 3.39
C GLU A 10 12.02 10.77 4.63
N ASN A 11 10.75 11.21 4.69
CA ASN A 11 9.90 10.97 5.84
C ASN A 11 9.18 9.62 5.72
N GLN A 12 9.18 8.98 4.55
CA GLN A 12 8.59 7.65 4.39
C GLN A 12 9.50 6.87 3.42
N PRO A 13 10.75 6.60 3.81
CA PRO A 13 11.76 6.12 2.88
C PRO A 13 11.67 4.66 2.39
N TRP A 14 10.76 3.89 2.97
CA TRP A 14 10.38 2.52 2.59
C TRP A 14 9.29 2.56 1.51
N PHE A 15 8.77 3.76 1.21
CA PHE A 15 7.69 3.87 0.23
C PHE A 15 8.17 3.60 -1.21
N ALA A 16 7.47 2.68 -1.90
CA ALA A 16 7.75 2.31 -3.29
C ALA A 16 6.60 2.76 -4.20
N ALA A 17 6.97 3.38 -5.34
CA ALA A 17 5.99 3.89 -6.28
C ALA A 17 6.04 2.95 -7.46
N ILE A 18 4.93 2.24 -7.74
CA ILE A 18 4.90 1.19 -8.75
C ILE A 18 4.08 1.64 -9.97
N TYR A 19 4.69 1.44 -11.17
CA TYR A 19 4.13 1.98 -12.40
C TYR A 19 4.05 0.83 -13.42
N ARG A 20 3.27 1.04 -14.47
CA ARG A 20 3.13 0.06 -15.54
C ARG A 20 3.51 0.73 -16.86
N ARG A 21 4.28 -0.01 -17.69
CA ARG A 21 4.60 0.34 -19.07
C ARG A 21 3.45 -0.08 -19.98
N HIS A 22 3.06 0.79 -20.90
CA HIS A 22 2.01 0.45 -21.85
C HIS A 22 2.58 0.27 -23.26
N ARG A 23 1.76 -0.34 -24.14
CA ARG A 23 2.06 -0.42 -25.56
C ARG A 23 2.02 1.00 -26.12
N GLY A 24 3.19 1.50 -26.55
CA GLY A 24 3.35 2.90 -26.88
C GLY A 24 4.48 3.54 -26.09
N GLY A 25 4.76 3.03 -24.89
CA GLY A 25 5.85 3.55 -24.07
C GLY A 25 5.36 4.63 -23.09
N SER A 26 4.04 4.71 -22.94
CA SER A 26 3.47 5.56 -21.92
C SER A 26 3.41 4.77 -20.60
N VAL A 27 3.76 5.47 -19.51
CA VAL A 27 3.94 4.87 -18.20
C VAL A 27 2.96 5.52 -17.23
N THR A 28 2.19 4.69 -16.53
CA THR A 28 1.20 5.21 -15.60
C THR A 28 1.35 4.54 -14.24
N TYR A 29 0.95 5.30 -13.23
CA TYR A 29 1.03 4.83 -11.85
C TYR A 29 0.03 3.69 -11.65
N VAL A 30 0.49 2.70 -10.89
CA VAL A 30 -0.36 1.59 -10.50
C VAL A 30 -0.82 1.76 -9.05
N CYS A 31 0.12 1.57 -8.09
CA CYS A 31 -0.13 1.41 -6.66
C CYS A 31 1.17 1.72 -5.89
N GLY A 32 1.05 1.93 -4.57
CA GLY A 32 2.19 2.00 -3.66
C GLY A 32 2.69 0.61 -3.30
N GLY A 33 3.80 0.57 -2.56
CA GLY A 33 4.35 -0.65 -2.01
C GLY A 33 5.32 -0.23 -0.90
N SER A 34 5.95 -1.22 -0.23
CA SER A 34 6.88 -0.98 0.88
C SER A 34 8.10 -1.88 0.73
N LEU A 35 9.29 -1.28 0.92
CA LEU A 35 10.55 -2.00 0.83
C LEU A 35 10.80 -2.73 2.16
N ILE A 36 10.74 -4.08 2.16
CA ILE A 36 10.86 -4.79 3.43
C ILE A 36 12.24 -5.45 3.57
N SER A 37 12.97 -5.52 2.46
CA SER A 37 14.37 -5.89 2.42
C SER A 37 14.98 -5.29 1.16
N PRO A 38 16.31 -5.26 1.00
CA PRO A 38 16.91 -4.70 -0.20
C PRO A 38 16.34 -5.12 -1.55
N CYS A 39 16.00 -6.42 -1.67
CA CYS A 39 15.52 -6.94 -2.94
C CYS A 39 14.02 -7.10 -3.01
N TRP A 40 13.28 -6.73 -1.95
CA TRP A 40 11.87 -7.11 -1.83
C TRP A 40 10.96 -5.92 -1.48
N VAL A 41 9.94 -5.72 -2.33
CA VAL A 41 8.85 -4.77 -2.08
C VAL A 41 7.56 -5.54 -1.83
N ILE A 42 6.78 -5.18 -0.79
CA ILE A 42 5.48 -5.78 -0.55
C ILE A 42 4.35 -4.78 -0.88
N SER A 43 3.26 -5.30 -1.47
CA SER A 43 2.15 -4.51 -2.02
C SER A 43 0.86 -5.33 -1.88
N ALA A 44 -0.15 -5.01 -2.72
CA ALA A 44 -1.47 -5.66 -2.68
C ALA A 44 -1.76 -6.38 -4.02
N THR A 45 -2.24 -7.63 -3.97
CA THR A 45 -2.45 -8.41 -5.20
C THR A 45 -3.45 -7.73 -6.13
N HIS A 46 -4.46 -7.05 -5.54
CA HIS A 46 -5.54 -6.47 -6.37
C HIS A 46 -4.97 -5.47 -7.36
N CYS A 47 -3.81 -4.88 -7.02
CA CYS A 47 -3.12 -3.90 -7.86
C CYS A 47 -2.62 -4.50 -9.19
N PHE A 48 -2.43 -5.84 -9.27
CA PHE A 48 -1.70 -6.49 -10.35
C PHE A 48 -2.52 -7.62 -11.02
N ILE A 49 -3.60 -8.06 -10.38
CA ILE A 49 -4.40 -9.24 -10.78
C ILE A 49 -4.85 -9.16 -12.25
N ASP A 50 -5.17 -7.98 -12.77
CA ASP A 50 -5.62 -7.80 -14.15
C ASP A 50 -4.49 -7.94 -15.16
N TYR A 51 -3.23 -7.73 -14.75
CA TYR A 51 -2.12 -7.66 -15.70
C TYR A 51 -0.94 -8.29 -14.99
N PRO A 52 -1.00 -9.62 -14.76
CA PRO A 52 -0.05 -10.27 -13.87
C PRO A 52 1.34 -10.57 -14.43
N LYS A 53 1.85 -9.75 -15.34
CA LYS A 53 3.15 -10.06 -15.94
C LYS A 53 4.21 -9.10 -15.44
N LYS A 54 5.23 -9.66 -14.77
CA LYS A 54 6.30 -8.90 -14.15
C LYS A 54 6.94 -7.89 -15.10
N GLU A 55 7.00 -8.20 -16.41
CA GLU A 55 7.70 -7.35 -17.37
C GLU A 55 6.99 -6.01 -17.60
N ASP A 56 5.72 -5.90 -17.20
CA ASP A 56 4.93 -4.69 -17.39
C ASP A 56 5.37 -3.57 -16.41
N TYR A 57 6.06 -3.93 -15.33
CA TYR A 57 6.09 -3.04 -14.15
C TYR A 57 7.45 -2.40 -13.97
N ILE A 58 7.46 -1.19 -13.39
CA ILE A 58 8.66 -0.48 -12.95
C ILE A 58 8.43 -0.12 -11.48
N VAL A 59 9.49 -0.24 -10.67
CA VAL A 59 9.39 0.17 -9.27
C VAL A 59 10.39 1.31 -9.05
N TYR A 60 9.93 2.44 -8.48
CA TYR A 60 10.83 3.50 -8.00
C TYR A 60 10.90 3.51 -6.47
N LEU A 61 12.13 3.60 -5.96
CA LEU A 61 12.35 3.93 -4.56
C LEU A 61 12.96 5.33 -4.52
N GLY A 62 12.88 5.98 -3.36
CA GLY A 62 13.48 7.30 -3.12
C GLY A 62 12.81 8.39 -3.95
N ARG A 63 11.58 8.17 -4.40
CA ARG A 63 10.88 9.11 -5.28
C ARG A 63 9.75 9.86 -4.53
N SER A 64 9.77 11.19 -4.62
CA SER A 64 8.79 12.05 -3.94
C SER A 64 7.67 12.54 -4.86
N ARG A 65 7.79 12.39 -6.21
CA ARG A 65 6.76 12.91 -7.11
C ARG A 65 6.22 11.82 -8.05
N LEU A 66 5.01 12.07 -8.55
CA LEU A 66 4.30 11.03 -9.27
C LEU A 66 4.81 10.94 -10.72
N ASN A 67 4.84 12.07 -11.45
CA ASN A 67 5.15 12.05 -12.89
C ASN A 67 6.40 12.86 -13.22
N SER A 68 7.20 13.25 -12.21
CA SER A 68 8.51 13.91 -12.32
C SER A 68 9.57 13.15 -11.52
N ASN A 69 10.83 13.17 -11.99
CA ASN A 69 11.93 12.49 -11.34
C ASN A 69 12.35 13.36 -10.15
N THR A 70 12.84 12.75 -9.04
CA THR A 70 13.35 13.57 -7.96
C THR A 70 14.75 13.05 -7.59
N GLN A 71 15.58 13.96 -7.07
CA GLN A 71 16.97 13.62 -6.73
C GLN A 71 17.00 12.55 -5.64
N GLY A 72 17.84 11.51 -5.79
CA GLY A 72 17.86 10.44 -4.79
C GLY A 72 16.99 9.21 -5.14
N GLU A 73 16.16 9.31 -6.19
CA GLU A 73 15.38 8.15 -6.64
C GLU A 73 16.26 7.07 -7.26
N MET A 74 15.77 5.82 -7.24
CA MET A 74 16.42 4.73 -7.96
C MET A 74 15.32 3.89 -8.62
N LYS A 75 15.62 3.44 -9.86
CA LYS A 75 14.65 2.71 -10.67
C LYS A 75 14.98 1.23 -10.71
N PHE A 76 13.94 0.40 -10.62
CA PHE A 76 14.08 -1.05 -10.60
C PHE A 76 13.13 -1.72 -11.60
N GLU A 77 13.59 -2.88 -12.09
CA GLU A 77 12.75 -3.84 -12.81
C GLU A 77 12.16 -4.84 -11.82
N VAL A 78 11.10 -5.55 -12.24
CA VAL A 78 10.48 -6.54 -11.36
C VAL A 78 10.95 -7.93 -11.82
N GLU A 79 11.72 -8.60 -10.96
CA GLU A 79 12.38 -9.86 -11.29
C GLU A 79 11.43 -11.04 -11.04
N ASN A 80 10.57 -10.91 -10.01
CA ASN A 80 9.55 -11.88 -9.65
C ASN A 80 8.32 -11.11 -9.17
N LEU A 81 7.14 -11.42 -9.74
CA LEU A 81 5.87 -10.85 -9.30
C LEU A 81 5.03 -11.95 -8.65
N ILE A 82 4.84 -11.88 -7.34
CA ILE A 82 4.25 -12.98 -6.61
C ILE A 82 2.89 -12.51 -6.09
N LEU A 83 1.82 -13.07 -6.67
CA LEU A 83 0.45 -12.75 -6.26
C LEU A 83 -0.07 -13.88 -5.38
N HIS A 84 -1.02 -13.58 -4.50
CA HIS A 84 -1.47 -14.56 -3.53
C HIS A 84 -2.53 -15.42 -4.21
N LYS A 85 -2.31 -16.75 -4.21
CA LYS A 85 -3.09 -17.64 -5.07
C LYS A 85 -4.53 -17.77 -4.55
N ASP A 86 -4.73 -17.37 -3.30
CA ASP A 86 -6.05 -17.33 -2.68
C ASP A 86 -6.67 -15.92 -2.65
N TYR A 87 -6.22 -15.02 -3.53
CA TYR A 87 -6.81 -13.69 -3.54
C TYR A 87 -8.26 -13.82 -3.97
N SER A 88 -9.12 -13.10 -3.23
CA SER A 88 -10.55 -13.07 -3.58
C SER A 88 -11.16 -11.75 -3.11
N ALA A 89 -12.17 -11.30 -3.82
CA ALA A 89 -12.91 -10.10 -3.40
C ALA A 89 -14.40 -10.38 -3.42
N ASP A 90 -15.15 -9.72 -2.53
CA ASP A 90 -16.62 -9.76 -2.69
C ASP A 90 -16.95 -8.41 -3.36
N THR A 91 -18.04 -7.75 -2.95
CA THR A 91 -18.37 -6.41 -3.50
C THR A 91 -17.37 -5.37 -2.96
N LEU A 92 -16.83 -5.62 -1.77
CA LEU A 92 -15.97 -4.58 -1.16
C LEU A 92 -14.73 -5.19 -0.51
N ALA A 93 -14.89 -6.32 0.14
CA ALA A 93 -13.77 -6.94 0.87
C ALA A 93 -12.79 -7.65 -0.06
N HIS A 94 -11.51 -7.51 0.23
CA HIS A 94 -10.44 -8.21 -0.47
C HIS A 94 -9.73 -9.07 0.55
N HIS A 95 -9.69 -10.39 0.29
CA HIS A 95 -8.96 -11.30 1.14
C HIS A 95 -7.60 -11.57 0.50
N ASN A 96 -6.61 -11.85 1.34
CA ASN A 96 -5.25 -12.22 0.93
C ASN A 96 -4.70 -11.18 -0.04
N ASP A 97 -4.96 -9.90 0.29
CA ASP A 97 -4.65 -8.83 -0.65
C ASP A 97 -3.20 -8.39 -0.39
N ILE A 98 -2.25 -9.18 -0.90
CA ILE A 98 -0.84 -9.16 -0.55
C ILE A 98 -0.05 -9.71 -1.74
N ALA A 99 1.04 -9.01 -2.10
CA ALA A 99 1.82 -9.33 -3.29
C ALA A 99 3.28 -9.07 -2.94
N LEU A 100 4.20 -9.80 -3.59
CA LEU A 100 5.63 -9.51 -3.44
C LEU A 100 6.23 -9.20 -4.78
N LEU A 101 7.14 -8.22 -4.78
CA LEU A 101 7.84 -7.88 -6.01
C LEU A 101 9.31 -7.96 -5.67
N LYS A 102 10.01 -8.88 -6.33
CA LYS A 102 11.47 -8.90 -6.21
C LYS A 102 12.06 -7.89 -7.18
N ILE A 103 12.83 -6.92 -6.66
CA ILE A 103 13.31 -5.83 -7.48
C ILE A 103 14.77 -6.05 -7.88
N ARG A 104 15.11 -5.58 -9.07
CA ARG A 104 16.49 -5.65 -9.53
C ARG A 104 16.72 -4.53 -10.54
N SER A 105 17.80 -3.75 -10.32
CA SER A 105 18.18 -2.71 -11.27
C SER A 105 18.78 -3.37 -12.51
N LYS A 106 18.80 -2.64 -13.64
CA LYS A 106 19.39 -3.15 -14.88
C LYS A 106 20.85 -3.56 -14.66
N GLU A 107 21.55 -2.84 -13.77
CA GLU A 107 22.90 -3.21 -13.34
C GLU A 107 22.90 -4.41 -12.38
N GLY A 108 21.72 -5.00 -12.13
CA GLY A 108 21.60 -6.26 -11.39
C GLY A 108 21.73 -6.10 -9.87
N ARG A 109 21.44 -4.91 -9.34
CA ARG A 109 21.56 -4.65 -7.91
C ARG A 109 20.18 -4.52 -7.24
N CYS A 110 20.14 -4.88 -5.95
CA CYS A 110 19.00 -4.58 -5.10
C CYS A 110 19.14 -3.14 -4.56
N ALA A 111 18.28 -2.73 -3.62
CA ALA A 111 18.30 -1.36 -3.11
C ALA A 111 19.51 -1.13 -2.20
N GLN A 112 19.95 0.12 -2.15
CA GLN A 112 20.90 0.51 -1.12
C GLN A 112 20.36 1.67 -0.28
N PRO A 113 20.42 1.54 1.06
CA PRO A 113 19.92 2.58 1.97
C PRO A 113 20.62 3.92 1.75
N SER A 114 19.84 4.98 1.84
CA SER A 114 20.31 6.35 1.62
C SER A 114 19.38 7.27 2.42
N ARG A 115 19.59 8.59 2.34
CA ARG A 115 18.67 9.46 3.04
C ARG A 115 17.25 9.33 2.49
N THR A 116 17.13 8.83 1.24
CA THR A 116 15.77 8.69 0.64
C THR A 116 15.23 7.24 0.59
N ILE A 117 16.03 6.24 0.97
CA ILE A 117 15.62 4.82 0.81
C ILE A 117 16.05 4.04 2.05
N GLN A 118 15.08 3.44 2.76
CA GLN A 118 15.34 2.57 3.91
C GLN A 118 14.29 1.47 3.92
N THR A 119 14.64 0.29 4.45
CA THR A 119 13.65 -0.78 4.60
C THR A 119 12.79 -0.48 5.82
N ILE A 120 11.62 -1.13 5.89
CA ILE A 120 10.76 -0.99 7.06
C ILE A 120 10.65 -2.38 7.69
N ALA A 121 10.63 -2.43 9.02
CA ALA A 121 10.67 -3.73 9.72
C ALA A 121 9.32 -4.40 9.63
N LEU A 122 9.33 -5.74 9.42
CA LEU A 122 8.11 -6.51 9.58
C LEU A 122 7.88 -6.74 11.07
N PRO A 123 6.63 -6.88 11.50
CA PRO A 123 6.32 -7.25 12.88
C PRO A 123 6.65 -8.74 13.07
N SER A 124 6.82 -9.11 14.35
CA SER A 124 6.94 -10.51 14.73
C SER A 124 5.57 -11.18 14.64
N MET A 125 5.59 -12.52 14.59
CA MET A 125 4.38 -13.30 14.36
C MET A 125 3.30 -12.81 15.31
N TYR A 126 2.14 -12.44 14.74
CA TYR A 126 0.95 -12.02 15.47
C TYR A 126 1.18 -10.81 16.39
N ASN A 127 2.25 -10.02 16.18
CA ASN A 127 2.51 -8.89 17.07
C ASN A 127 1.99 -7.56 16.47
N ASP A 128 0.88 -7.02 17.01
CA ASP A 128 0.23 -5.82 16.51
C ASP A 128 0.12 -4.76 17.62
N PRO A 129 0.03 -3.46 17.30
CA PRO A 129 -0.20 -2.44 18.33
C PRO A 129 -1.63 -2.55 18.88
N GLN A 130 -1.80 -2.10 20.13
CA GLN A 130 -3.11 -2.03 20.74
C GLN A 130 -3.96 -1.09 19.91
N PHE A 131 -5.28 -1.34 19.83
CA PHE A 131 -6.20 -0.41 19.21
C PHE A 131 -6.05 0.96 19.89
N GLY A 132 -6.43 2.03 19.16
CA GLY A 132 -6.21 3.40 19.62
C GLY A 132 -4.83 3.94 19.25
N THR A 133 -3.91 3.06 18.81
CA THR A 133 -2.57 3.49 18.47
C THR A 133 -2.63 4.35 17.20
N SER A 134 -1.84 5.44 17.16
CA SER A 134 -1.75 6.30 15.99
C SER A 134 -0.69 5.73 15.03
N CYS A 135 -1.10 5.49 13.79
CA CYS A 135 -0.21 4.97 12.75
C CYS A 135 -0.21 5.97 11.57
N GLU A 136 0.71 5.76 10.60
CA GLU A 136 0.77 6.61 9.41
C GLU A 136 0.47 5.83 8.12
N ILE A 137 -0.19 6.49 7.16
CA ILE A 137 -0.33 6.00 5.80
C ILE A 137 0.24 7.06 4.85
N THR A 138 0.58 6.62 3.62
CA THR A 138 1.25 7.53 2.66
C THR A 138 0.95 7.02 1.28
N GLY A 139 0.94 7.93 0.30
CA GLY A 139 0.69 7.52 -1.08
C GLY A 139 0.37 8.71 -1.99
N PHE A 140 0.25 8.35 -3.29
CA PHE A 140 -0.05 9.28 -4.35
C PHE A 140 -1.53 9.14 -4.73
N GLY A 141 -2.36 8.58 -3.81
CA GLY A 141 -3.79 8.45 -4.06
C GLY A 141 -4.56 9.77 -4.09
N LYS A 142 -5.80 9.72 -4.59
CA LYS A 142 -6.70 10.89 -4.69
C LYS A 142 -6.77 11.69 -3.39
N GLU A 143 -6.80 13.04 -3.49
CA GLU A 143 -7.02 13.89 -2.35
C GLU A 143 -8.51 14.04 -2.02
N GLN A 144 -9.39 13.79 -3.00
CA GLN A 144 -10.84 13.76 -2.78
C GLN A 144 -11.40 12.62 -3.62
N SER A 145 -12.38 11.88 -3.10
CA SER A 145 -12.89 10.75 -3.87
C SER A 145 -13.48 11.17 -5.21
N THR A 146 -13.93 12.42 -5.36
CA THR A 146 -14.52 12.89 -6.59
C THR A 146 -13.52 13.40 -7.62
N ASP A 147 -12.22 13.47 -7.25
CA ASP A 147 -11.19 14.00 -8.15
C ASP A 147 -10.92 13.01 -9.29
N TYR A 148 -10.53 13.56 -10.43
CA TYR A 148 -10.03 12.76 -11.54
C TYR A 148 -8.50 12.78 -11.62
N LEU A 149 -7.83 13.76 -10.99
CA LEU A 149 -6.38 13.74 -11.03
C LEU A 149 -5.84 13.28 -9.68
N TYR A 150 -4.55 12.88 -9.71
CA TYR A 150 -3.74 12.46 -8.57
C TYR A 150 -2.77 13.57 -8.22
N PRO A 151 -2.43 13.71 -6.91
CA PRO A 151 -1.48 14.73 -6.47
C PRO A 151 -0.15 14.30 -7.08
N GLU A 152 0.69 15.29 -7.38
CA GLU A 152 2.02 15.07 -7.95
C GLU A 152 3.11 14.96 -6.88
N GLN A 153 2.79 15.34 -5.63
CA GLN A 153 3.73 15.24 -4.50
C GLN A 153 3.18 14.23 -3.49
N LEU A 154 4.05 13.37 -2.94
CA LEU A 154 3.67 12.38 -1.94
C LEU A 154 2.94 13.04 -0.75
N LYS A 155 1.90 12.35 -0.26
CA LYS A 155 1.20 12.76 0.96
C LYS A 155 1.33 11.67 2.02
N MET A 156 1.11 12.06 3.27
CA MET A 156 0.92 11.13 4.40
C MET A 156 -0.11 11.70 5.36
N THR A 157 -0.66 10.81 6.21
CA THR A 157 -1.57 11.26 7.25
C THR A 157 -1.48 10.28 8.42
N VAL A 158 -2.19 10.63 9.49
CA VAL A 158 -2.24 9.81 10.69
C VAL A 158 -3.66 9.28 10.85
N VAL A 159 -3.77 7.96 11.11
CA VAL A 159 -5.04 7.30 11.40
C VAL A 159 -4.82 6.39 12.60
N LYS A 160 -5.91 6.04 13.32
CA LYS A 160 -5.82 5.30 14.57
C LYS A 160 -6.41 3.90 14.40
N LEU A 161 -5.78 2.86 14.97
CA LEU A 161 -6.25 1.49 14.84
C LEU A 161 -7.53 1.33 15.65
N ILE A 162 -8.48 0.59 15.06
CA ILE A 162 -9.81 0.36 15.58
C ILE A 162 -9.91 -1.13 15.94
N SER A 163 -10.54 -1.42 17.10
CA SER A 163 -10.66 -2.81 17.54
C SER A 163 -11.48 -3.59 16.52
N HIS A 164 -11.27 -4.91 16.46
CA HIS A 164 -12.06 -5.79 15.63
C HIS A 164 -13.55 -5.70 15.97
N ARG A 165 -13.86 -5.80 17.28
CA ARG A 165 -15.23 -5.66 17.78
C ARG A 165 -15.88 -4.43 17.16
N GLU A 166 -15.24 -3.25 17.33
CA GLU A 166 -15.81 -2.01 16.82
C GLU A 166 -15.95 -2.07 15.29
N CYS A 167 -14.93 -2.60 14.59
CA CYS A 167 -14.99 -2.55 13.13
C CYS A 167 -15.98 -3.59 12.60
N GLN A 168 -16.22 -4.63 13.42
CA GLN A 168 -17.16 -5.71 13.08
C GLN A 168 -18.59 -5.39 13.55
N GLN A 169 -18.79 -4.20 14.15
CA GLN A 169 -20.15 -3.64 14.27
C GLN A 169 -20.80 -3.55 12.90
N PRO A 170 -22.11 -3.88 12.81
CA PRO A 170 -22.85 -3.78 11.55
C PRO A 170 -22.80 -2.42 10.86
N HIS A 171 -22.80 -1.32 11.63
CA HIS A 171 -22.81 -0.01 10.99
C HIS A 171 -21.38 0.36 10.58
N TYR A 172 -20.39 -0.47 10.95
CA TYR A 172 -19.06 -0.37 10.35
C TYR A 172 -19.02 -1.34 9.16
N TYR A 173 -18.30 -2.47 9.30
CA TYR A 173 -18.24 -3.41 8.18
C TYR A 173 -18.81 -4.81 8.53
N GLY A 174 -19.25 -5.04 9.76
CA GLY A 174 -19.79 -6.35 10.06
C GLY A 174 -18.71 -7.44 10.01
N SER A 175 -19.06 -8.58 9.39
CA SER A 175 -18.24 -9.77 9.28
C SER A 175 -17.49 -9.79 7.96
N GLU A 176 -17.52 -8.66 7.24
CA GLU A 176 -16.61 -8.42 6.13
C GLU A 176 -15.16 -8.40 6.57
N VAL A 177 -14.88 -7.98 7.80
CA VAL A 177 -13.49 -7.90 8.22
C VAL A 177 -13.17 -9.11 9.11
N THR A 178 -11.95 -9.63 8.96
CA THR A 178 -11.55 -10.87 9.62
C THR A 178 -10.38 -10.59 10.56
N THR A 179 -9.83 -11.66 11.15
CA THR A 179 -8.61 -11.50 11.94
C THR A 179 -7.38 -11.30 11.03
N LYS A 180 -7.53 -11.50 9.71
CA LYS A 180 -6.45 -11.31 8.73
C LYS A 180 -6.41 -9.88 8.18
N MET A 181 -7.18 -8.96 8.80
CA MET A 181 -7.28 -7.55 8.40
C MET A 181 -7.23 -6.67 9.64
N LEU A 182 -6.85 -5.38 9.46
CA LEU A 182 -6.86 -4.34 10.49
C LEU A 182 -7.65 -3.15 9.94
N CYS A 183 -8.54 -2.58 10.77
CA CYS A 183 -9.22 -1.35 10.42
C CYS A 183 -8.49 -0.16 11.04
N ALA A 184 -8.48 0.98 10.32
CA ALA A 184 -7.84 2.19 10.85
C ALA A 184 -8.52 3.39 10.21
N ALA A 185 -8.70 4.44 11.02
CA ALA A 185 -9.34 5.65 10.52
C ALA A 185 -9.15 6.81 11.47
N ASP A 186 -9.60 7.97 11.00
CA ASP A 186 -9.55 9.21 11.76
C ASP A 186 -10.76 9.21 12.68
N PRO A 187 -10.56 9.43 14.00
CA PRO A 187 -11.70 9.68 14.90
C PRO A 187 -12.81 10.59 14.34
N GLN A 188 -12.47 11.68 13.65
CA GLN A 188 -13.46 12.59 13.11
C GLN A 188 -13.72 12.37 11.63
N TRP A 189 -13.19 11.27 11.05
CA TRP A 189 -13.57 10.85 9.70
C TRP A 189 -13.20 11.87 8.61
N LYS A 190 -12.13 12.65 8.82
CA LYS A 190 -11.71 13.66 7.85
C LYS A 190 -10.41 13.31 7.09
N THR A 191 -9.73 12.24 7.47
CA THR A 191 -8.50 11.88 6.76
C THR A 191 -8.49 10.36 6.58
N ASP A 192 -7.96 9.89 5.43
CA ASP A 192 -8.09 8.49 5.07
C ASP A 192 -7.26 8.20 3.81
N SER A 193 -7.09 6.89 3.53
CA SER A 193 -6.53 6.47 2.24
C SER A 193 -7.64 6.49 1.18
N CYS A 194 -7.27 6.48 -0.12
CA CYS A 194 -8.19 6.55 -1.25
C CYS A 194 -7.60 5.80 -2.45
N GLN A 195 -8.37 5.75 -3.57
CA GLN A 195 -7.90 5.14 -4.81
C GLN A 195 -6.53 5.69 -5.15
N GLY A 196 -5.59 4.78 -5.51
CA GLY A 196 -4.22 5.18 -5.76
C GLY A 196 -3.30 4.89 -4.57
N ASP A 197 -3.86 4.82 -3.34
CA ASP A 197 -3.04 4.53 -2.16
C ASP A 197 -2.91 3.02 -1.90
N SER A 198 -3.64 2.17 -2.63
CA SER A 198 -3.56 0.74 -2.40
C SER A 198 -2.12 0.27 -2.47
N GLY A 199 -1.80 -0.78 -1.69
CA GLY A 199 -0.51 -1.45 -1.69
C GLY A 199 0.48 -0.73 -0.77
N GLY A 200 0.20 0.56 -0.48
CA GLY A 200 1.11 1.27 0.39
C GLY A 200 1.05 0.86 1.87
N PRO A 201 1.99 1.40 2.68
CA PRO A 201 2.12 1.06 4.10
C PRO A 201 1.15 1.72 5.08
N LEU A 202 0.79 0.92 6.08
CA LEU A 202 0.30 1.37 7.37
C LEU A 202 1.41 1.15 8.39
N VAL A 203 2.00 2.25 8.91
CA VAL A 203 3.25 2.21 9.64
C VAL A 203 2.98 2.55 11.10
N CYS A 204 3.38 1.68 12.02
CA CYS A 204 3.13 1.93 13.43
C CYS A 204 4.43 1.71 14.21
N SER A 205 4.61 2.46 15.31
CA SER A 205 5.63 2.17 16.31
C SER A 205 5.17 0.99 17.17
N LEU A 206 6.12 0.10 17.45
CA LEU A 206 5.87 -1.19 18.09
C LEU A 206 7.22 -1.85 18.32
N GLN A 207 7.55 -2.16 19.58
CA GLN A 207 8.90 -2.54 20.03
C GLN A 207 9.79 -1.30 20.00
N GLY A 208 9.17 -0.12 19.90
CA GLY A 208 9.88 1.09 19.54
C GLY A 208 10.55 0.97 18.17
N ARG A 209 9.86 0.23 17.29
CA ARG A 209 10.33 0.10 15.90
C ARG A 209 9.24 0.51 14.92
N MET A 210 9.61 1.30 13.92
CA MET A 210 8.69 1.63 12.82
C MET A 210 8.41 0.30 12.09
N THR A 211 7.14 -0.09 12.08
CA THR A 211 6.77 -1.44 11.68
C THR A 211 5.68 -1.34 10.62
N LEU A 212 5.79 -2.21 9.60
CA LEU A 212 4.75 -2.40 8.60
C LEU A 212 3.65 -3.26 9.19
N THR A 213 2.67 -2.60 9.79
CA THR A 213 1.59 -3.27 10.48
C THR A 213 0.55 -3.66 9.45
N GLY A 214 0.34 -2.82 8.41
CA GLY A 214 -0.68 -3.13 7.43
C GLY A 214 -0.30 -2.71 6.01
N ILE A 215 -1.08 -3.17 5.01
CA ILE A 215 -0.96 -2.78 3.61
C ILE A 215 -2.32 -2.21 3.21
N VAL A 216 -2.36 -1.05 2.54
CA VAL A 216 -3.64 -0.47 2.18
C VAL A 216 -4.38 -1.43 1.22
N SER A 217 -5.64 -1.78 1.56
CA SER A 217 -6.34 -2.82 0.82
C SER A 217 -7.69 -2.33 0.34
N TRP A 218 -8.63 -2.03 1.25
CA TRP A 218 -9.98 -1.74 0.80
C TRP A 218 -10.73 -0.82 1.77
N GLY A 219 -11.90 -0.36 1.31
CA GLY A 219 -12.84 0.37 2.15
C GLY A 219 -13.99 0.89 1.30
N ARG A 220 -15.10 1.29 1.93
CA ARG A 220 -16.20 1.88 1.18
C ARG A 220 -15.99 3.39 1.13
N GLY A 221 -15.93 3.91 -0.09
CA GLY A 221 -15.58 5.30 -0.37
C GLY A 221 -14.23 5.63 0.25
N CYS A 222 -14.03 6.90 0.61
CA CYS A 222 -12.82 7.33 1.30
C CYS A 222 -13.21 8.47 2.25
N ALA A 223 -12.84 8.35 3.52
CA ALA A 223 -13.13 9.33 4.56
C ALA A 223 -14.64 9.47 4.76
N LEU A 224 -15.36 8.33 4.80
CA LEU A 224 -16.78 8.28 5.13
C LEU A 224 -16.92 7.83 6.58
N LYS A 225 -17.88 8.45 7.27
CA LYS A 225 -18.19 8.12 8.66
C LYS A 225 -18.45 6.62 8.80
N ASP A 226 -17.83 5.98 9.79
CA ASP A 226 -18.00 4.58 10.19
C ASP A 226 -17.55 3.62 9.07
N LYS A 227 -16.65 4.10 8.19
CA LYS A 227 -16.22 3.33 7.04
C LYS A 227 -14.69 3.43 6.96
N PRO A 228 -13.96 2.80 7.92
CA PRO A 228 -12.52 2.93 7.99
C PRO A 228 -11.80 2.34 6.77
N GLY A 229 -10.51 2.65 6.68
CA GLY A 229 -9.68 1.90 5.77
C GLY A 229 -9.53 0.48 6.33
N VAL A 230 -9.45 -0.50 5.42
CA VAL A 230 -9.10 -1.88 5.80
C VAL A 230 -7.77 -2.24 5.19
N TYR A 231 -6.91 -2.80 6.01
CA TYR A 231 -5.52 -3.07 5.71
C TYR A 231 -5.29 -4.56 5.84
N THR A 232 -4.43 -5.12 4.98
CA THR A 232 -3.98 -6.50 5.16
C THR A 232 -3.09 -6.56 6.40
N ARG A 233 -3.37 -7.54 7.26
CA ARG A 233 -2.73 -7.60 8.57
C ARG A 233 -1.44 -8.40 8.45
N VAL A 234 -0.33 -7.69 8.26
CA VAL A 234 0.99 -8.26 7.95
C VAL A 234 1.43 -9.32 8.97
N SER A 235 1.25 -9.06 10.27
CA SER A 235 1.72 -9.95 11.34
C SER A 235 1.11 -11.35 11.23
N HIS A 236 0.01 -11.49 10.51
CA HIS A 236 -0.63 -12.77 10.21
C HIS A 236 -0.22 -13.36 8.86
N PHE A 237 0.83 -12.83 8.19
CA PHE A 237 1.18 -13.33 6.87
C PHE A 237 2.66 -13.72 6.81
N LEU A 238 3.28 -13.89 7.99
CA LEU A 238 4.72 -14.06 7.97
C LEU A 238 5.07 -15.33 7.20
N PRO A 239 4.30 -16.44 7.35
CA PRO A 239 4.65 -17.70 6.71
C PRO A 239 4.59 -17.53 5.20
N TRP A 240 3.49 -16.89 4.71
CA TRP A 240 3.39 -16.58 3.29
C TRP A 240 4.61 -15.79 2.82
N ILE A 241 4.99 -14.76 3.60
CA ILE A 241 6.09 -13.87 3.25
C ILE A 241 7.41 -14.67 3.28
N ARG A 242 7.54 -15.57 4.27
CA ARG A 242 8.73 -16.41 4.43
C ARG A 242 8.84 -17.42 3.27
N SER A 243 7.75 -18.12 2.97
CA SER A 243 7.79 -19.21 1.99
C SER A 243 7.90 -18.65 0.58
N HIS A 244 7.85 -17.33 0.44
CA HIS A 244 7.95 -16.75 -0.91
C HIS A 244 9.17 -15.84 -1.06
N THR A 245 9.95 -15.59 0.01
CA THR A 245 11.12 -14.71 -0.12
C THR A 245 12.45 -15.41 0.19
N LYS A 246 12.44 -16.74 0.37
CA LYS A 246 13.68 -17.50 0.59
C LYS A 246 14.72 -17.23 -0.50
N GLU A 247 15.99 -17.12 -0.06
CA GLU A 247 17.13 -16.71 -0.87
C GLU A 247 17.76 -17.93 -1.52
N CYS B 1 -13.79 3.48 -19.08
CA CYS B 1 -12.51 3.27 -18.34
C CYS B 1 -11.43 2.81 -19.32
N SER B 2 -10.23 2.53 -18.83
CA SER B 2 -9.11 2.24 -19.77
C SER B 2 -8.07 1.37 -19.09
N ARG B 3 -7.02 0.99 -19.81
CA ARG B 3 -5.91 0.23 -19.18
C ARG B 3 -4.92 1.19 -18.54
N PHE B 4 -5.19 2.50 -18.62
CA PHE B 4 -4.26 3.50 -18.08
C PHE B 4 -4.72 3.96 -16.69
N VAL B 5 -5.77 3.32 -16.16
CA VAL B 5 -6.40 3.71 -14.91
C VAL B 5 -5.44 3.38 -13.77
N VAL B 6 -5.44 4.24 -12.76
CA VAL B 6 -4.66 4.04 -11.55
C VAL B 6 -5.49 3.17 -10.62
N ASP B 7 -4.90 2.11 -10.07
CA ASP B 7 -5.49 1.37 -8.95
C ASP B 7 -6.97 1.12 -9.22
N CYS B 8 -7.28 0.40 -10.32
CA CYS B 8 -8.68 0.25 -10.71
C CYS B 8 -9.54 -0.55 -9.72
N ARG B 9 -8.93 -1.44 -8.89
CA ARG B 9 -9.65 -2.18 -7.84
C ARG B 9 -9.48 -1.59 -6.44
N GLY B 10 -8.94 -0.36 -6.35
CA GLY B 10 -8.79 0.34 -5.08
C GLY B 10 -10.11 0.95 -4.62
N ARG B 11 -10.12 1.36 -3.33
CA ARG B 11 -11.27 1.96 -2.68
C ARG B 11 -11.71 3.19 -3.46
N GLY B 12 -13.01 3.27 -3.71
CA GLY B 12 -13.54 4.35 -4.51
C GLY B 12 -13.30 4.13 -6.01
N GLY B 13 -12.61 3.05 -6.39
CA GLY B 13 -12.33 2.81 -7.81
C GLY B 13 -13.48 2.07 -8.49
N PRO B 14 -13.51 1.94 -9.84
CA PRO B 14 -14.60 1.25 -10.53
C PRO B 14 -14.89 -0.16 -10.00
N CYS B 15 -13.83 -0.89 -9.62
CA CYS B 15 -13.95 -2.28 -9.24
C CYS B 15 -13.42 -2.54 -7.82
N GLY B 16 -13.53 -1.53 -6.96
CA GLY B 16 -13.13 -1.62 -5.57
C GLY B 16 -14.23 -2.19 -4.69
N NH2 B 17 -15.42 -2.46 -5.21
S SO4 C . 7.71 -14.73 -12.42
O1 SO4 C . 9.12 -14.73 -11.99
O2 SO4 C . 7.07 -15.99 -12.03
O3 SO4 C . 7.69 -14.60 -13.86
O4 SO4 C . 7.00 -13.65 -11.78
S SO4 D . 12.04 19.36 0.98
O1 SO4 D . 13.08 20.32 1.21
O2 SO4 D . 12.10 18.32 1.97
O3 SO4 D . 12.22 18.74 -0.34
O4 SO4 D . 10.76 20.01 1.03
C1 PEG E . 12.86 -8.90 6.07
O1 PEG E . 13.37 -9.64 7.16
C2 PEG E . 12.23 -9.78 5.04
O2 PEG E . 13.23 -10.23 4.13
C3 PEG E . 12.69 -11.08 3.12
C4 PEG E . 13.79 -11.91 2.45
O4 PEG E . 14.93 -12.09 3.28
C1 EDO F . -5.77 -15.59 13.46
O1 EDO F . -6.16 -14.47 14.22
C2 EDO F . -6.08 -15.45 12.04
O2 EDO F . -4.96 -15.04 11.28
C1 EDO G . 3.01 -20.79 -4.04
O1 EDO G . 2.11 -19.90 -3.44
C2 EDO G . 2.48 -22.16 -4.10
O2 EDO G . 2.08 -22.65 -2.85
C1 EDO H . -17.48 14.54 16.75
O1 EDO H . -18.14 15.46 15.91
C2 EDO H . -16.56 13.66 15.99
O2 EDO H . -16.81 13.68 14.61
OH2 1PE I . 0.75 10.18 19.11
C12 1PE I . 1.17 10.62 17.83
C22 1PE I . 1.65 9.49 16.98
OH3 1PE I . 1.83 9.95 15.63
C13 1PE I . 3.20 8.22 14.77
C23 1PE I . 3.11 9.67 15.12
OH4 1PE I . 4.57 7.85 14.62
C14 1PE I . 6.47 8.06 16.02
C24 1PE I . 5.15 7.40 15.83
OH5 1PE I . 7.29 7.25 16.85
C15 1PE I . 7.04 7.38 19.20
C25 1PE I . 6.60 6.70 17.96
OH6 1PE I . 6.26 6.90 20.30
C16 1PE I . 4.33 7.44 21.61
C26 1PE I . 4.90 7.32 20.23
OH7 1PE I . 3.14 8.21 21.63
C1 ZBR J . -10.22 -2.41 -14.16
C2 ZBR J . -11.06 -3.37 -13.57
C3 ZBR J . -12.44 -3.36 -13.76
C4 ZBR J . -12.98 -2.35 -14.54
C5 ZBR J . -12.19 -1.38 -15.13
C6 ZBR J . -10.80 -1.42 -14.93
C7 ZBR J . -8.75 -2.43 -13.91
C8 ZBR J . -13.32 -4.40 -13.14
C9 ZBR J . -12.82 -0.34 -15.98
C1 PEG K . -14.83 -7.11 -15.94
O1 PEG K . -15.97 -6.74 -15.21
C2 PEG K . -14.79 -6.52 -17.33
O2 PEG K . -15.89 -6.99 -18.11
C3 PEG K . -16.08 -6.24 -19.31
C4 PEG K . -16.26 -7.16 -20.45
O4 PEG K . -15.05 -7.35 -21.18
#